data_9CCX
#
_entry.id   9CCX
#
_cell.length_a   106.630
_cell.length_b   106.630
_cell.length_c   54.270
_cell.angle_alpha   90.000
_cell.angle_beta   90.000
_cell.angle_gamma   120.000
#
_symmetry.space_group_name_H-M   'P 32 2 1'
#
loop_
_entity.id
_entity.type
_entity.pdbx_description
1 polymer 'UDP-2,3-diacylglucosamine hydrolase'
2 non-polymer 1-(5-{4-[4-(trifluoromethyl)pyridin-2-yl]piperazine-1-sulfonyl}-2,3-dihydro-1H-indol-1-yl)ethan-1-one
3 non-polymer 'TETRAETHYLENE GLYCOL'
4 non-polymer 'MANGANESE (II) ION'
5 water water
#
_entity_poly.entity_id   1
_entity_poly.type   'polypeptide(L)'
_entity_poly.pdbx_seq_one_letter_code
;MATLFIADLHLQTEEPAITAGFLRFLQGEARQADALYILGDLFEAWIGDDDPNPLHQQIASAIKAVVDAGVPCYFIHGNR
DFLVGQRFARQSGMILLAEEERLDLYGREVLIMHGDTLCTDDQGYLAFRAKVHTPWIQRLFLALPLFIRHRIAARMRADS
KAANSSKSMEIMDVNPQAVVDAMERHHVQWLIHGHTHRPAVHELQANGQPAWRVVLGAWHSEGSMVKVTPDDVELIHFPF
LEENLYFQSHHHHHHHHHH
;
_entity_poly.pdbx_strand_id   A
#
# COMPACT_ATOMS: atom_id res chain seq x y z
N ALA A 2 3.38 8.60 16.94
CA ALA A 2 3.94 7.68 15.96
C ALA A 2 2.98 7.52 14.80
N THR A 3 3.51 7.58 13.58
CA THR A 3 2.70 7.40 12.38
C THR A 3 3.06 6.07 11.73
N LEU A 4 2.04 5.36 11.24
CA LEU A 4 2.21 4.02 10.71
C LEU A 4 2.03 4.03 9.20
N PHE A 5 2.86 3.25 8.51
CA PHE A 5 2.78 3.10 7.07
C PHE A 5 2.76 1.62 6.76
N ILE A 6 1.81 1.20 5.91
CA ILE A 6 1.71 -0.17 5.42
C ILE A 6 1.43 -0.12 3.93
N ALA A 7 1.71 -1.25 3.26
CA ALA A 7 1.43 -1.35 1.84
C ALA A 7 1.52 -2.81 1.44
N ASP A 8 0.94 -3.10 0.27
CA ASP A 8 1.21 -4.33 -0.45
C ASP A 8 0.74 -5.54 0.33
N LEU A 9 -0.47 -5.44 0.89
CA LEU A 9 -1.10 -6.54 1.60
C LEU A 9 -1.71 -7.55 0.63
N HIS A 10 -2.25 -7.07 -0.50
CA HIS A 10 -2.86 -7.93 -1.51
C HIS A 10 -3.96 -8.82 -0.93
N LEU A 11 -4.83 -8.20 -0.13
CA LEU A 11 -5.94 -8.94 0.47
C LEU A 11 -6.78 -9.59 -0.61
N GLN A 12 -7.24 -10.81 -0.34
CA GLN A 12 -8.03 -11.62 -1.26
C GLN A 12 -8.62 -12.77 -0.45
N THR A 13 -9.82 -13.21 -0.84
CA THR A 13 -10.53 -14.20 -0.04
C THR A 13 -9.82 -15.55 -0.01
N GLU A 14 -9.00 -15.85 -1.02
CA GLU A 14 -8.19 -17.07 -1.03
C GLU A 14 -7.06 -17.07 -0.01
N GLU A 15 -6.74 -15.93 0.60
CA GLU A 15 -5.70 -15.83 1.61
C GLU A 15 -6.28 -15.32 2.92
N PRO A 16 -7.13 -16.11 3.59
CA PRO A 16 -7.74 -15.61 4.83
C PRO A 16 -6.75 -15.27 5.93
N ALA A 17 -5.57 -15.88 5.97
CA ALA A 17 -4.62 -15.57 7.05
C ALA A 17 -4.12 -14.13 6.98
N ILE A 18 -3.92 -13.60 5.77
CA ILE A 18 -3.53 -12.19 5.66
C ILE A 18 -4.65 -11.29 6.16
N THR A 19 -5.90 -11.61 5.80
CA THR A 19 -7.03 -10.80 6.26
C THR A 19 -7.12 -10.82 7.79
N ALA A 20 -7.03 -12.01 8.39
CA ALA A 20 -7.02 -12.11 9.85
C ALA A 20 -5.87 -11.33 10.46
N GLY A 21 -4.70 -11.36 9.80
CA GLY A 21 -3.56 -10.60 10.31
C GLY A 21 -3.77 -9.11 10.22
N PHE A 22 -4.40 -8.64 9.14
CA PHE A 22 -4.69 -7.21 9.02
C PHE A 22 -5.71 -6.77 10.07
N LEU A 23 -6.72 -7.60 10.31
CA LEU A 23 -7.75 -7.27 11.30
C LEU A 23 -7.15 -7.16 12.69
N ARG A 24 -6.30 -8.12 13.05
CA ARG A 24 -5.57 -8.05 14.32
C ARG A 24 -4.71 -6.81 14.40
N PHE A 25 -4.02 -6.46 13.30
CA PHE A 25 -3.25 -5.22 13.27
C PHE A 25 -4.13 -4.01 13.56
N LEU A 26 -5.29 -3.93 12.90
CA LEU A 26 -6.17 -2.77 13.07
C LEU A 26 -6.69 -2.65 14.49
N GLN A 27 -7.05 -3.77 15.12
CA GLN A 27 -7.58 -3.78 16.47
C GLN A 27 -6.49 -3.69 17.54
N GLY A 28 -5.22 -3.64 17.15
CA GLY A 28 -4.13 -3.57 18.10
C GLY A 28 -3.18 -2.41 17.88
N GLU A 29 -2.36 -2.48 16.83
CA GLU A 29 -1.37 -1.44 16.60
C GLU A 29 -2.02 -0.13 16.16
N ALA A 30 -2.91 -0.20 15.17
CA ALA A 30 -3.40 1.02 14.53
C ALA A 30 -4.19 1.92 15.50
N ARG A 31 -4.88 1.33 16.49
CA ARG A 31 -5.65 2.12 17.45
C ARG A 31 -4.78 3.09 18.24
N GLN A 32 -3.48 2.84 18.34
CA GLN A 32 -2.60 3.68 19.15
C GLN A 32 -1.82 4.69 18.31
N ALA A 33 -2.10 4.80 17.02
CA ALA A 33 -1.33 5.62 16.10
C ALA A 33 -1.90 7.04 16.00
N ASP A 34 -1.02 8.00 15.67
CA ASP A 34 -1.50 9.33 15.32
C ASP A 34 -2.19 9.36 13.95
N ALA A 35 -1.88 8.38 13.09
CA ALA A 35 -2.41 8.31 11.73
C ALA A 35 -1.93 7.00 11.11
N LEU A 36 -2.69 6.54 10.10
CA LEU A 36 -2.38 5.32 9.38
C LEU A 36 -2.42 5.61 7.88
N TYR A 37 -1.29 5.41 7.21
CA TYR A 37 -1.20 5.57 5.76
C TYR A 37 -1.03 4.20 5.11
N ILE A 38 -1.90 3.90 4.15
CA ILE A 38 -1.84 2.69 3.34
C ILE A 38 -1.43 3.11 1.94
N LEU A 39 -0.20 2.77 1.55
CA LEU A 39 0.40 3.24 0.29
C LEU A 39 0.17 2.27 -0.86
N GLY A 40 -1.05 1.81 -1.04
CA GLY A 40 -1.42 1.09 -2.24
C GLY A 40 -1.28 -0.42 -2.10
N ASP A 41 -2.00 -1.13 -2.99
CA ASP A 41 -2.04 -2.59 -3.02
C ASP A 41 -2.63 -3.17 -1.73
N LEU A 42 -3.60 -2.46 -1.14
CA LEU A 42 -4.37 -3.06 -0.05
C LEU A 42 -5.05 -4.36 -0.51
N PHE A 43 -5.67 -4.34 -1.69
CA PHE A 43 -6.34 -5.51 -2.25
C PHE A 43 -5.59 -6.05 -3.46
N GLU A 44 -5.73 -7.37 -3.67
CA GLU A 44 -5.10 -8.01 -4.81
C GLU A 44 -5.74 -7.59 -6.14
N ALA A 45 -6.99 -7.16 -6.11
CA ALA A 45 -7.69 -6.74 -7.31
C ALA A 45 -8.82 -5.80 -6.94
N TRP A 46 -9.25 -5.00 -7.91
CA TRP A 46 -10.39 -4.12 -7.69
C TRP A 46 -11.00 -3.77 -9.04
N ILE A 47 -12.32 -3.96 -9.17
CA ILE A 47 -13.01 -3.68 -10.42
C ILE A 47 -14.11 -2.65 -10.23
N GLY A 48 -14.11 -1.93 -9.12
CA GLY A 48 -15.11 -0.89 -8.87
C GLY A 48 -15.75 -1.07 -7.51
N ASP A 49 -16.20 0.05 -6.93
CA ASP A 49 -16.74 0.04 -5.59
C ASP A 49 -18.11 -0.62 -5.49
N ASP A 50 -18.76 -0.95 -6.61
CA ASP A 50 -20.06 -1.62 -6.56
C ASP A 50 -19.93 -3.14 -6.48
N ASP A 51 -18.70 -3.65 -6.46
CA ASP A 51 -18.47 -5.09 -6.30
C ASP A 51 -19.01 -5.55 -4.94
N PRO A 52 -19.92 -6.52 -4.90
CA PRO A 52 -20.49 -6.94 -3.61
C PRO A 52 -19.65 -7.96 -2.87
N ASN A 53 -18.40 -8.15 -3.30
CA ASN A 53 -17.47 -9.05 -2.63
C ASN A 53 -17.49 -8.77 -1.13
N PRO A 54 -17.85 -9.76 -0.29
CA PRO A 54 -18.00 -9.48 1.14
C PRO A 54 -16.73 -8.99 1.80
N LEU A 55 -15.57 -9.48 1.34
CA LEU A 55 -14.31 -9.05 1.91
C LEU A 55 -14.18 -7.54 1.88
N HIS A 56 -14.65 -6.91 0.81
CA HIS A 56 -14.60 -5.45 0.74
C HIS A 56 -15.38 -4.82 1.90
N GLN A 57 -16.54 -5.39 2.24
CA GLN A 57 -17.31 -4.81 3.33
C GLN A 57 -16.64 -5.06 4.66
N GLN A 58 -16.16 -6.28 4.88
CA GLN A 58 -15.45 -6.60 6.12
C GLN A 58 -14.26 -5.67 6.33
N ILE A 59 -13.48 -5.45 5.28
CA ILE A 59 -12.33 -4.57 5.40
C ILE A 59 -12.76 -3.14 5.65
N ALA A 60 -13.81 -2.68 4.94
CA ALA A 60 -14.28 -1.31 5.13
C ALA A 60 -14.76 -1.07 6.55
N SER A 61 -15.47 -2.03 7.13
CA SER A 61 -15.96 -1.85 8.50
C SER A 61 -14.82 -1.88 9.51
N ALA A 62 -13.76 -2.65 9.25
CA ALA A 62 -12.68 -2.72 10.22
C ALA A 62 -11.86 -1.44 10.22
N ILE A 63 -11.64 -0.86 9.04
CA ILE A 63 -10.94 0.42 8.96
C ILE A 63 -11.79 1.52 9.56
N LYS A 64 -13.09 1.54 9.24
CA LYS A 64 -13.98 2.56 9.80
C LYS A 64 -13.96 2.54 11.33
N ALA A 65 -13.76 1.36 11.93
CA ALA A 65 -13.67 1.30 13.38
C ALA A 65 -12.41 2.00 13.89
N VAL A 66 -11.31 1.87 13.16
CA VAL A 66 -10.09 2.60 13.52
C VAL A 66 -10.32 4.10 13.38
N VAL A 67 -10.97 4.51 12.29
CA VAL A 67 -11.27 5.91 12.04
C VAL A 67 -12.18 6.46 13.14
N ASP A 68 -13.17 5.66 13.59
CA ASP A 68 -14.09 6.11 14.63
C ASP A 68 -13.42 6.16 16.01
N ALA A 69 -12.33 5.42 16.20
CA ALA A 69 -11.57 5.50 17.44
C ALA A 69 -10.64 6.70 17.48
N GLY A 70 -10.68 7.55 16.46
CA GLY A 70 -9.90 8.78 16.46
C GLY A 70 -8.61 8.76 15.66
N VAL A 71 -8.38 7.74 14.85
CA VAL A 71 -7.12 7.58 14.11
C VAL A 71 -7.43 7.82 12.63
N PRO A 72 -7.01 8.95 12.05
CA PRO A 72 -7.28 9.20 10.63
C PRO A 72 -6.51 8.26 9.72
N CYS A 73 -7.18 7.86 8.63
CA CYS A 73 -6.68 6.82 7.73
C CYS A 73 -6.65 7.36 6.31
N TYR A 74 -5.53 7.13 5.63
CA TYR A 74 -5.26 7.69 4.30
C TYR A 74 -4.84 6.58 3.35
N PHE A 75 -5.19 6.76 2.09
CA PHE A 75 -4.92 5.74 1.08
C PHE A 75 -4.33 6.36 -0.17
N ILE A 76 -3.22 5.81 -0.64
CA ILE A 76 -2.71 6.09 -1.98
C ILE A 76 -2.91 4.83 -2.81
N HIS A 77 -3.35 4.98 -4.07
CA HIS A 77 -3.66 3.84 -4.91
C HIS A 77 -2.40 3.08 -5.29
N GLY A 78 -2.51 1.75 -5.35
CA GLY A 78 -1.45 0.91 -5.87
C GLY A 78 -1.72 0.56 -7.31
N ASN A 79 -0.81 -0.25 -7.87
CA ASN A 79 -1.03 -0.69 -9.24
C ASN A 79 -2.12 -1.75 -9.33
N ARG A 80 -2.40 -2.46 -8.24
CA ARG A 80 -3.46 -3.47 -8.26
C ARG A 80 -4.84 -2.90 -7.98
N ASP A 81 -4.96 -1.92 -7.07
CA ASP A 81 -6.27 -1.43 -6.64
C ASP A 81 -6.48 0.04 -7.01
N PHE A 82 -6.00 0.45 -8.19
CA PHE A 82 -6.13 1.84 -8.62
C PHE A 82 -7.58 2.26 -8.88
N LEU A 83 -8.54 1.34 -8.86
CA LEU A 83 -9.93 1.73 -9.06
C LEU A 83 -10.68 1.98 -7.75
N VAL A 84 -10.01 1.91 -6.59
CA VAL A 84 -10.70 2.23 -5.34
C VAL A 84 -11.20 3.68 -5.41
N GLY A 85 -12.49 3.87 -5.17
CA GLY A 85 -13.09 5.17 -5.37
C GLY A 85 -13.68 5.83 -4.13
N GLN A 86 -14.48 6.88 -4.33
CA GLN A 86 -14.99 7.67 -3.21
C GLN A 86 -16.13 6.98 -2.48
N ARG A 87 -16.82 6.02 -3.13
CA ARG A 87 -17.80 5.22 -2.40
C ARG A 87 -17.12 4.35 -1.34
N PHE A 88 -16.05 3.64 -1.72
CA PHE A 88 -15.33 2.85 -0.73
C PHE A 88 -14.69 3.75 0.33
N ALA A 89 -14.22 4.93 -0.08
CA ALA A 89 -13.65 5.86 0.90
C ALA A 89 -14.66 6.23 1.96
N ARG A 90 -15.92 6.44 1.56
CA ARG A 90 -16.95 6.80 2.52
C ARG A 90 -17.29 5.63 3.44
N GLN A 91 -17.44 4.43 2.89
CA GLN A 91 -17.74 3.27 3.73
C GLN A 91 -16.64 3.00 4.76
N SER A 92 -15.40 3.36 4.46
CA SER A 92 -14.28 3.06 5.36
C SER A 92 -13.81 4.26 6.17
N GLY A 93 -14.29 5.47 5.86
CA GLY A 93 -13.77 6.65 6.51
C GLY A 93 -12.36 7.02 6.11
N MET A 94 -11.82 6.38 5.08
CA MET A 94 -10.48 6.68 4.60
C MET A 94 -10.48 7.87 3.66
N ILE A 95 -9.37 8.62 3.68
CA ILE A 95 -9.20 9.74 2.77
C ILE A 95 -8.31 9.29 1.62
N LEU A 96 -8.77 9.52 0.40
CA LEU A 96 -7.96 9.21 -0.78
C LEU A 96 -6.99 10.36 -1.06
N LEU A 97 -5.72 10.03 -1.19
CA LEU A 97 -4.67 11.00 -1.49
C LEU A 97 -4.21 10.82 -2.93
N ALA A 98 -3.46 11.81 -3.44
CA ALA A 98 -2.89 11.71 -4.78
C ALA A 98 -1.73 10.73 -4.81
N GLU A 99 -1.21 10.47 -6.01
CA GLU A 99 -0.17 9.46 -6.17
C GLU A 99 1.16 9.89 -5.56
N GLU A 100 1.40 11.19 -5.40
CA GLU A 100 2.52 11.72 -4.64
C GLU A 100 2.01 12.71 -3.59
N GLU A 101 2.45 12.55 -2.34
CA GLU A 101 2.11 13.49 -1.28
C GLU A 101 3.34 13.76 -0.43
N ARG A 102 3.41 14.96 0.13
CA ARG A 102 4.48 15.36 1.04
C ARG A 102 3.88 15.64 2.41
N LEU A 103 4.44 15.02 3.44
CA LEU A 103 3.93 15.11 4.80
C LEU A 103 4.96 15.77 5.70
N ASP A 104 4.49 16.36 6.79
CA ASP A 104 5.34 16.81 7.88
C ASP A 104 5.19 15.78 9.00
N LEU A 105 6.20 14.95 9.18
CA LEU A 105 6.20 13.94 10.23
C LEU A 105 7.15 14.42 11.33
N TYR A 106 6.57 15.12 12.31
CA TYR A 106 7.30 15.59 13.49
C TYR A 106 8.50 16.43 13.10
N GLY A 107 8.37 17.23 12.04
CA GLY A 107 9.39 18.16 11.63
C GLY A 107 10.15 17.76 10.38
N ARG A 108 10.16 16.47 10.02
CA ARG A 108 10.86 16.03 8.82
C ARG A 108 9.88 15.94 7.67
N GLU A 109 10.27 16.50 6.53
CA GLU A 109 9.47 16.45 5.32
C GLU A 109 9.67 15.10 4.64
N VAL A 110 8.58 14.37 4.43
CA VAL A 110 8.63 13.03 3.86
C VAL A 110 7.74 12.98 2.63
N LEU A 111 8.26 12.40 1.55
CA LEU A 111 7.47 12.15 0.36
C LEU A 111 6.96 10.71 0.40
N ILE A 112 5.66 10.53 0.15
CA ILE A 112 5.07 9.19 0.14
C ILE A 112 4.45 8.92 -1.23
N MET A 113 4.53 7.67 -1.67
CA MET A 113 3.93 7.22 -2.92
C MET A 113 3.92 5.70 -2.90
N HIS A 114 3.18 5.10 -3.84
CA HIS A 114 3.17 3.64 -3.94
C HIS A 114 4.52 3.10 -4.40
N GLY A 115 5.16 3.80 -5.34
CA GLY A 115 6.47 3.42 -5.84
C GLY A 115 6.47 2.83 -7.24
N ASP A 116 5.32 2.54 -7.83
CA ASP A 116 5.37 1.91 -9.15
C ASP A 116 5.86 2.89 -10.21
N THR A 117 5.63 4.19 -10.02
CA THR A 117 6.07 5.19 -11.00
C THR A 117 7.57 5.41 -10.99
N LEU A 118 8.30 4.80 -10.04
CA LEU A 118 9.75 4.88 -10.01
C LEU A 118 10.41 3.80 -10.86
N CYS A 119 9.63 2.89 -11.43
CA CYS A 119 10.14 1.70 -12.10
C CYS A 119 10.20 1.94 -13.61
N THR A 120 10.96 2.98 -13.98
CA THR A 120 10.98 3.51 -15.34
C THR A 120 11.77 2.65 -16.33
N ASP A 121 12.30 1.52 -15.90
CA ASP A 121 12.93 0.57 -16.81
C ASP A 121 11.97 -0.51 -17.30
N ASP A 122 10.83 -0.69 -16.63
CA ASP A 122 9.88 -1.76 -16.98
C ASP A 122 8.87 -1.24 -18.01
N GLN A 123 9.40 -0.89 -19.19
CA GLN A 123 8.59 -0.18 -20.19
C GLN A 123 7.34 -0.94 -20.61
N GLY A 124 7.30 -2.27 -20.44
CA GLY A 124 6.05 -2.97 -20.59
C GLY A 124 5.04 -2.56 -19.54
N TYR A 125 5.48 -2.36 -18.31
CA TYR A 125 4.56 -1.95 -17.27
C TYR A 125 4.05 -0.53 -17.51
N LEU A 126 4.93 0.39 -17.92
CA LEU A 126 4.52 1.76 -18.11
C LEU A 126 3.43 1.88 -19.17
N ALA A 127 3.54 1.10 -20.24
CA ALA A 127 2.48 1.14 -21.26
C ALA A 127 1.16 0.62 -20.69
N PHE A 128 1.21 -0.51 -19.97
CA PHE A 128 0.01 -1.00 -19.31
C PHE A 128 -0.56 0.04 -18.36
N ARG A 129 0.30 0.69 -17.57
CA ARG A 129 -0.17 1.64 -16.57
C ARG A 129 -0.88 2.83 -17.24
N ALA A 130 -0.25 3.41 -18.27
CA ALA A 130 -0.85 4.55 -18.96
C ALA A 130 -2.22 4.21 -19.54
N LYS A 131 -2.40 2.97 -19.98
CA LYS A 131 -3.67 2.54 -20.53
C LYS A 131 -4.76 2.58 -19.47
N VAL A 132 -4.61 1.77 -18.41
CA VAL A 132 -5.67 1.60 -17.41
C VAL A 132 -5.79 2.80 -16.47
N HIS A 133 -4.94 3.81 -16.62
CA HIS A 133 -5.08 5.06 -15.86
C HIS A 133 -5.64 6.19 -16.71
N THR A 134 -6.00 5.91 -17.96
CA THR A 134 -6.64 6.89 -18.83
C THR A 134 -8.08 7.10 -18.39
N PRO A 135 -8.49 8.33 -18.05
CA PRO A 135 -9.84 8.51 -17.48
C PRO A 135 -10.97 7.95 -18.32
N TRP A 136 -10.97 8.15 -19.64
CA TRP A 136 -12.09 7.62 -20.43
C TRP A 136 -12.07 6.11 -20.55
N ILE A 137 -10.90 5.48 -20.39
CA ILE A 137 -10.83 4.02 -20.40
C ILE A 137 -11.33 3.46 -19.08
N GLN A 138 -11.05 4.14 -17.97
CA GLN A 138 -11.58 3.71 -16.67
C GLN A 138 -13.09 3.85 -16.63
N ARG A 139 -13.63 4.99 -17.08
CA ARG A 139 -15.07 5.20 -17.03
C ARG A 139 -15.81 4.20 -17.89
N LEU A 140 -15.25 3.87 -19.05
CA LEU A 140 -15.85 2.86 -19.92
C LEU A 140 -15.84 1.49 -19.27
N PHE A 141 -14.74 1.14 -18.61
CA PHE A 141 -14.65 -0.16 -17.93
C PHE A 141 -15.64 -0.22 -16.79
N LEU A 142 -15.68 0.83 -15.96
CA LEU A 142 -16.56 0.82 -14.79
C LEU A 142 -18.03 0.80 -15.18
N ALA A 143 -18.39 1.27 -16.37
CA ALA A 143 -19.77 1.28 -16.84
C ALA A 143 -20.24 -0.09 -17.36
N LEU A 144 -19.34 -1.05 -17.54
CA LEU A 144 -19.73 -2.36 -18.00
C LEU A 144 -20.34 -3.16 -16.85
N PRO A 145 -21.19 -4.15 -17.15
CA PRO A 145 -21.79 -4.94 -16.07
C PRO A 145 -20.72 -5.65 -15.25
N LEU A 146 -21.06 -5.91 -13.99
CA LEU A 146 -20.12 -6.54 -13.06
C LEU A 146 -19.58 -7.86 -13.60
N PHE A 147 -20.46 -8.72 -14.14
CA PHE A 147 -19.97 -10.00 -14.62
C PHE A 147 -19.04 -9.82 -15.80
N ILE A 148 -19.25 -8.76 -16.59
CA ILE A 148 -18.32 -8.51 -17.69
C ILE A 148 -16.97 -8.08 -17.15
N ARG A 149 -16.97 -7.17 -16.18
CA ARG A 149 -15.73 -6.70 -15.58
C ARG A 149 -14.95 -7.85 -14.92
N HIS A 150 -15.67 -8.79 -14.28
CA HIS A 150 -15.00 -9.94 -13.69
C HIS A 150 -14.27 -10.76 -14.74
N ARG A 151 -14.93 -11.02 -15.87
CA ARG A 151 -14.32 -11.82 -16.94
C ARG A 151 -13.12 -11.10 -17.54
N ILE A 152 -13.25 -9.80 -17.80
CA ILE A 152 -12.13 -9.03 -18.33
C ILE A 152 -10.93 -9.09 -17.39
N ALA A 153 -11.18 -8.93 -16.09
CA ALA A 153 -10.09 -8.83 -15.13
C ALA A 153 -9.39 -10.17 -14.94
N ALA A 154 -10.16 -11.26 -14.82
CA ALA A 154 -9.57 -12.59 -14.72
C ALA A 154 -8.73 -12.92 -15.94
N ARG A 155 -9.16 -12.49 -17.12
CA ARG A 155 -8.37 -12.73 -18.32
C ARG A 155 -7.11 -11.89 -18.33
N MET A 156 -7.19 -10.63 -17.89
CA MET A 156 -5.99 -9.80 -17.87
C MET A 156 -4.99 -10.29 -16.84
N ARG A 157 -5.47 -10.89 -15.76
CA ARG A 157 -4.54 -11.42 -14.76
C ARG A 157 -3.77 -12.62 -15.31
N ALA A 158 -4.46 -13.51 -16.03
CA ALA A 158 -3.79 -14.66 -16.65
C ALA A 158 -2.81 -14.22 -17.74
N ASP A 159 -3.17 -13.18 -18.50
CA ASP A 159 -2.28 -12.69 -19.54
C ASP A 159 -1.00 -12.10 -18.96
N SER A 160 -1.06 -11.54 -17.75
CA SER A 160 0.15 -10.97 -17.14
C SER A 160 1.05 -12.04 -16.54
N LYS A 161 0.48 -13.09 -15.94
CA LYS A 161 1.31 -14.17 -15.43
C LYS A 161 2.07 -14.86 -16.55
N ALA A 162 1.42 -15.03 -17.71
CA ALA A 162 2.09 -15.67 -18.84
C ALA A 162 3.14 -14.74 -19.46
N ALA A 163 2.89 -13.44 -19.46
CA ALA A 163 3.86 -12.46 -19.93
C ALA A 163 4.92 -12.12 -18.89
N ASN A 164 5.21 -13.01 -17.94
CA ASN A 164 6.23 -12.74 -16.93
C ASN A 164 7.41 -13.71 -17.05
N MET A 172 10.28 -5.63 -11.33
CA MET A 172 11.38 -4.71 -11.58
C MET A 172 11.56 -3.76 -10.40
N ASP A 173 12.81 -3.40 -10.12
CA ASP A 173 13.13 -2.47 -9.06
C ASP A 173 13.07 -1.04 -9.61
N VAL A 174 13.19 -0.08 -8.69
CA VAL A 174 13.09 1.33 -9.06
C VAL A 174 14.32 1.78 -9.84
N ASN A 175 14.14 2.84 -10.60
CA ASN A 175 15.26 3.52 -11.25
C ASN A 175 15.88 4.52 -10.27
N PRO A 176 17.20 4.50 -10.09
CA PRO A 176 17.83 5.43 -9.14
C PRO A 176 17.66 6.89 -9.52
N GLN A 177 17.72 7.21 -10.82
CA GLN A 177 17.54 8.59 -11.24
C GLN A 177 16.10 9.05 -11.04
N ALA A 178 15.13 8.13 -11.12
CA ALA A 178 13.75 8.48 -10.83
C ALA A 178 13.54 8.81 -9.36
N VAL A 179 14.25 8.10 -8.47
CA VAL A 179 14.20 8.43 -7.05
C VAL A 179 14.70 9.85 -6.81
N VAL A 180 15.89 10.17 -7.32
CA VAL A 180 16.46 11.49 -7.12
C VAL A 180 15.56 12.57 -7.70
N ASP A 181 14.95 12.29 -8.86
CA ASP A 181 14.10 13.29 -9.51
C ASP A 181 12.91 13.66 -8.63
N ALA A 182 12.22 12.67 -8.07
CA ALA A 182 11.06 12.96 -7.23
C ALA A 182 11.46 13.64 -5.93
N MET A 183 12.53 13.16 -5.29
CA MET A 183 12.99 13.75 -4.03
C MET A 183 13.51 15.17 -4.22
N GLU A 184 13.96 15.52 -5.42
CA GLU A 184 14.37 16.88 -5.71
C GLU A 184 13.21 17.78 -6.15
N ARG A 185 12.21 17.23 -6.87
CA ARG A 185 11.00 18.00 -7.18
C ARG A 185 10.30 18.47 -5.92
N HIS A 186 10.19 17.59 -4.91
CA HIS A 186 9.52 17.91 -3.65
C HIS A 186 10.46 18.48 -2.59
N HIS A 187 11.77 18.51 -2.86
N HIS A 187 11.77 18.55 -2.86
CA HIS A 187 12.76 19.05 -1.92
CA HIS A 187 12.76 19.06 -1.91
C HIS A 187 12.68 18.35 -0.57
C HIS A 187 12.67 18.36 -0.55
N VAL A 188 12.68 17.03 -0.59
CA VAL A 188 12.64 16.22 0.62
C VAL A 188 13.92 15.39 0.74
N GLN A 189 14.19 14.95 1.97
CA GLN A 189 15.31 14.07 2.27
C GLN A 189 14.86 12.69 2.72
N TRP A 190 13.56 12.44 2.74
CA TRP A 190 12.99 11.16 3.17
C TRP A 190 11.89 10.76 2.20
N LEU A 191 11.89 9.49 1.79
CA LEU A 191 10.86 8.96 0.89
C LEU A 191 10.44 7.59 1.41
N ILE A 192 9.13 7.36 1.43
CA ILE A 192 8.56 6.08 1.85
C ILE A 192 7.69 5.57 0.71
N HIS A 193 7.85 4.30 0.35
CA HIS A 193 7.02 3.70 -0.70
C HIS A 193 6.99 2.19 -0.50
N GLY A 194 6.20 1.54 -1.34
CA GLY A 194 6.15 0.08 -1.37
C GLY A 194 6.36 -0.45 -2.77
N HIS A 195 5.41 -1.26 -3.24
CA HIS A 195 5.35 -1.81 -4.59
C HIS A 195 6.43 -2.82 -4.93
N THR A 196 7.71 -2.52 -4.63
CA THR A 196 8.78 -3.45 -5.01
C THR A 196 8.87 -4.67 -4.12
N HIS A 197 8.25 -4.67 -2.94
CA HIS A 197 8.28 -5.82 -2.04
C HIS A 197 9.70 -6.13 -1.54
N ARG A 198 10.57 -5.12 -1.51
CA ARG A 198 11.96 -5.28 -1.09
C ARG A 198 12.21 -4.38 0.11
N PRO A 199 11.74 -4.78 1.30
CA PRO A 199 11.88 -3.90 2.48
C PRO A 199 13.34 -3.63 2.80
N ALA A 200 13.70 -2.36 2.88
CA ALA A 200 15.08 -1.92 2.98
C ALA A 200 15.09 -0.46 3.36
N VAL A 201 16.24 0.01 3.83
CA VAL A 201 16.51 1.43 3.99
C VAL A 201 17.72 1.75 3.11
N HIS A 202 17.54 2.69 2.18
CA HIS A 202 18.59 3.06 1.23
C HIS A 202 19.01 4.50 1.50
N GLU A 203 20.32 4.73 1.55
CA GLU A 203 20.87 6.06 1.67
C GLU A 203 21.31 6.55 0.31
N LEU A 204 21.09 7.84 0.05
CA LEU A 204 21.46 8.46 -1.21
C LEU A 204 21.73 9.93 -0.93
N GLN A 205 21.84 10.73 -2.00
CA GLN A 205 22.00 12.17 -1.88
C GLN A 205 20.95 12.85 -2.73
N ALA A 206 20.29 13.86 -2.17
CA ALA A 206 19.28 14.63 -2.88
C ALA A 206 19.30 16.06 -2.36
N ASN A 207 19.29 17.02 -3.28
CA ASN A 207 19.38 18.44 -2.94
C ASN A 207 20.70 18.76 -2.23
N GLY A 208 21.76 18.07 -2.63
CA GLY A 208 23.07 18.28 -2.04
C GLY A 208 23.22 17.82 -0.60
N GLN A 209 22.31 17.01 -0.09
CA GLN A 209 22.32 16.57 1.29
C GLN A 209 22.02 15.08 1.34
N PRO A 210 22.41 14.39 2.42
CA PRO A 210 22.00 12.99 2.60
C PRO A 210 20.48 12.85 2.54
N ALA A 211 20.03 11.79 1.87
CA ALA A 211 18.62 11.46 1.75
C ALA A 211 18.42 9.97 1.98
N TRP A 212 17.18 9.58 2.29
CA TRP A 212 16.87 8.19 2.59
C TRP A 212 15.58 7.77 1.89
N ARG A 213 15.58 6.53 1.40
CA ARG A 213 14.40 5.91 0.80
C ARG A 213 14.07 4.67 1.60
N VAL A 214 12.87 4.62 2.17
CA VAL A 214 12.43 3.52 3.01
C VAL A 214 11.37 2.74 2.26
N VAL A 215 11.56 1.43 2.13
CA VAL A 215 10.71 0.58 1.31
C VAL A 215 9.99 -0.39 2.23
N LEU A 216 8.68 -0.51 2.02
CA LEU A 216 7.85 -1.40 2.81
C LEU A 216 7.93 -2.83 2.30
N GLY A 217 7.53 -3.77 3.15
CA GLY A 217 7.40 -5.15 2.76
C GLY A 217 5.97 -5.56 2.43
N ALA A 218 5.88 -6.59 1.59
CA ALA A 218 4.61 -7.24 1.28
C ALA A 218 4.24 -8.21 2.39
N TRP A 219 2.94 -8.43 2.56
CA TRP A 219 2.43 -9.33 3.60
C TRP A 219 2.32 -10.72 2.99
N HIS A 220 3.45 -11.43 3.00
CA HIS A 220 3.49 -12.77 2.41
C HIS A 220 3.37 -13.82 3.51
N SER A 221 4.43 -13.98 4.32
CA SER A 221 4.39 -14.87 5.46
C SER A 221 4.25 -14.12 6.77
N GLU A 222 4.68 -12.86 6.81
CA GLU A 222 4.60 -12.03 8.00
C GLU A 222 4.16 -10.64 7.58
N GLY A 223 3.66 -9.88 8.55
CA GLY A 223 3.34 -8.49 8.31
C GLY A 223 4.57 -7.59 8.35
N SER A 224 4.38 -6.37 7.86
CA SER A 224 5.43 -5.37 7.75
C SER A 224 4.80 -4.00 7.94
N MET A 225 5.51 -3.11 8.65
CA MET A 225 5.08 -1.72 8.75
C MET A 225 6.31 -0.84 8.96
N VAL A 226 6.18 0.43 8.56
CA VAL A 226 7.12 1.47 8.96
C VAL A 226 6.42 2.35 10.01
N LYS A 227 7.10 2.56 11.14
CA LYS A 227 6.64 3.46 12.19
C LYS A 227 7.59 4.65 12.26
N VAL A 228 7.04 5.86 12.16
CA VAL A 228 7.83 7.08 12.26
C VAL A 228 7.46 7.77 13.56
N THR A 229 8.46 7.98 14.41
CA THR A 229 8.34 8.75 15.63
C THR A 229 9.12 10.05 15.47
N PRO A 230 8.99 10.99 16.41
CA PRO A 230 9.89 12.16 16.40
C PRO A 230 11.37 11.81 16.55
N ASP A 231 11.71 10.61 17.05
CA ASP A 231 13.09 10.25 17.32
C ASP A 231 13.73 9.33 16.29
N ASP A 232 12.96 8.53 15.56
CA ASP A 232 13.55 7.53 14.69
C ASP A 232 12.57 7.12 13.60
N VAL A 233 13.03 6.27 12.70
CA VAL A 233 12.22 5.60 11.68
C VAL A 233 12.42 4.11 11.88
N GLU A 234 11.33 3.35 11.91
CA GLU A 234 11.37 1.94 12.29
C GLU A 234 10.73 1.08 11.22
N LEU A 235 11.47 0.10 10.72
CA LEU A 235 10.93 -0.94 9.84
C LEU A 235 10.73 -2.19 10.69
N ILE A 236 9.48 -2.64 10.79
CA ILE A 236 9.06 -3.63 11.78
C ILE A 236 8.37 -4.78 11.08
N HIS A 237 8.83 -6.01 11.36
CA HIS A 237 8.18 -7.22 10.86
C HIS A 237 7.62 -8.02 12.03
N PHE A 238 6.43 -8.58 11.84
CA PHE A 238 5.67 -9.20 12.92
C PHE A 238 4.83 -10.33 12.33
N PRO A 239 4.45 -11.31 13.14
CA PRO A 239 3.55 -12.38 12.65
C PRO A 239 2.11 -11.89 12.50
N PHE A 240 1.37 -12.60 11.64
CA PHE A 240 -0.02 -12.23 11.41
C PHE A 240 -0.86 -12.43 12.66
N LEU A 241 -0.89 -13.66 13.15
CA LEU A 241 -1.75 -14.03 14.26
C LEU A 241 -0.94 -14.16 15.54
N GLU A 242 -1.66 -14.16 16.67
CA GLU A 242 -1.04 -14.29 17.98
C GLU A 242 -0.43 -15.68 18.12
N GLU A 243 0.91 -15.75 18.10
CA GLU A 243 1.62 -17.02 18.21
C GLU A 243 1.79 -17.36 19.68
N ASN A 244 0.94 -18.25 20.18
CA ASN A 244 1.00 -18.66 21.58
C ASN A 244 2.27 -19.45 21.87
N LEU A 245 2.87 -19.18 23.02
CA LEU A 245 4.07 -19.88 23.41
C LEU A 245 3.70 -21.22 24.04
N TYR A 246 4.45 -22.25 23.67
CA TYR A 246 4.38 -23.55 24.32
C TYR A 246 5.80 -24.10 24.39
N PHE A 247 6.05 -25.00 25.33
CA PHE A 247 7.39 -25.46 25.61
C PHE A 247 7.60 -26.88 25.09
N GLN A 248 8.76 -27.11 24.49
CA GLN A 248 9.22 -28.45 24.14
C GLN A 248 10.28 -28.87 25.13
N SER A 249 10.23 -30.12 25.57
CA SER A 249 11.14 -30.62 26.60
C SER A 249 12.47 -31.07 25.98
N HIS A 250 13.26 -30.06 25.59
CA HIS A 250 14.62 -30.32 25.11
C HIS A 250 15.49 -30.84 26.26
N HIS A 251 16.62 -31.45 25.91
CA HIS A 251 17.48 -32.11 26.89
C HIS A 251 18.93 -31.64 26.76
N HIS A 252 19.57 -31.42 27.90
CA HIS A 252 20.97 -30.96 27.95
C HIS A 252 21.90 -32.03 27.37
#